data_1E95
#
_entry.id   1E95
#
_cell.length_a   1.000
_cell.length_b   1.000
_cell.length_c   1.000
_cell.angle_alpha   90.00
_cell.angle_beta   90.00
_cell.angle_gamma   90.00
#
_symmetry.space_group_name_H-M   'P 1'
#
_entity_poly.entity_id   1
_entity_poly.type   'polyribonucleotide'
_entity_poly.pdbx_seq_one_letter_code
;GCGGCCAGCUCCAGGCCGCCAAACAAUAUGGAGCAC
;
_entity_poly.pdbx_strand_id   A
#